data_5K1M
#
_entry.id   5K1M
#
_cell.length_a   52.180
_cell.length_b   54.830
_cell.length_c   103.480
_cell.angle_alpha   90.00
_cell.angle_beta   90.00
_cell.angle_gamma   90.00
#
_symmetry.space_group_name_H-M   'P 21 21 21'
#
loop_
_entity.id
_entity.type
_entity.pdbx_description
1 polymer 'NAD(P)H:flavin oxidoreductase Sye4'
2 non-polymer 'FLAVIN MONONUCLEOTIDE'
3 non-polymer 4-methoxyphenol
4 water water
#
_entity_poly.entity_id   1
_entity_poly.type   'polypeptide(L)'
_entity_poly.pdbx_seq_one_letter_code
;MTIENTVNSVENLFDTYKLNDTITLKNRILMAPLTRCMADANLVPTDDMVAYYARRAEAGLIISEATIIRPDAQGYPNTP
GIFTQAQIAGWRKVTDAVHANGGKIFVQLWHTGRVAHPHFFGGGDVLAPSAQKIEGSVPRMRELTYVTPKAVTVEDIQGL
VRDYAKAAENVIEAGFDGVEIHGANGYLIDQFLHHDSNRRTDEYGGTPVNMSRFALEVVDAIIARIGHDRTGLRISPGAY
FNMASDSRDRVVFDYLLPELEKRDLAFVHIGIFDDSIEFDYLGGTASSYVRAHYGKTLVGVGSYSAETASKAIAEDKFDL
IAIGRPFIANPDYVAKVRNSEELVAYSDEMLASLI
;
_entity_poly.pdbx_strand_id   A
#
loop_
_chem_comp.id
_chem_comp.type
_chem_comp.name
_chem_comp.formula
4KS non-polymer 4-methoxyphenol 'C7 H8 O2'
FMN non-polymer 'FLAVIN MONONUCLEOTIDE' 'C17 H21 N4 O9 P'
#
# COMPACT_ATOMS: atom_id res chain seq x y z
N ASN A 8 24.13 -21.51 1.22
CA ASN A 8 23.57 -20.21 1.56
C ASN A 8 22.46 -20.35 2.60
N SER A 9 22.01 -19.24 3.16
CA SER A 9 21.04 -19.28 4.25
C SER A 9 20.32 -17.95 4.46
N VAL A 10 19.04 -18.05 4.79
CA VAL A 10 18.18 -16.88 4.97
C VAL A 10 17.62 -16.85 6.38
N GLU A 11 18.42 -17.32 7.33
CA GLU A 11 17.98 -17.43 8.71
C GLU A 11 17.44 -16.13 9.28
N ASN A 12 18.03 -15.01 8.87
CA ASN A 12 17.64 -13.73 9.45
C ASN A 12 16.21 -13.33 9.08
N LEU A 13 15.66 -13.95 8.04
CA LEU A 13 14.27 -13.67 7.66
C LEU A 13 13.30 -14.19 8.72
N PHE A 14 13.78 -15.09 9.57
CA PHE A 14 12.92 -15.68 10.59
C PHE A 14 13.21 -15.12 11.98
N ASP A 15 13.99 -14.04 12.02
CA ASP A 15 14.15 -13.28 13.26
C ASP A 15 12.81 -12.70 13.67
N THR A 16 12.53 -12.72 14.97
CA THR A 16 11.44 -11.93 15.52
C THR A 16 11.77 -10.47 15.29
N TYR A 17 10.78 -9.65 14.96
CA TYR A 17 11.02 -8.24 14.76
C TYR A 17 10.02 -7.41 15.54
N LYS A 18 10.51 -6.69 16.54
CA LYS A 18 9.67 -5.80 17.32
CA LYS A 18 9.65 -5.81 17.31
C LYS A 18 9.46 -4.49 16.57
N LEU A 19 8.27 -4.30 16.02
CA LEU A 19 7.95 -3.06 15.35
C LEU A 19 7.93 -1.94 16.36
N ASN A 20 7.35 -2.22 17.51
CA ASN A 20 7.18 -1.23 18.56
C ASN A 20 6.58 -1.90 19.78
N ASP A 21 6.19 -1.12 20.78
CA ASP A 21 5.67 -1.68 22.02
C ASP A 21 4.33 -2.37 21.86
N THR A 22 3.63 -2.09 20.75
CA THR A 22 2.31 -2.66 20.53
C THR A 22 2.39 -3.97 19.74
N ILE A 23 3.29 -4.02 18.76
CA ILE A 23 3.31 -5.13 17.82
C ILE A 23 4.70 -5.73 17.64
N THR A 24 4.76 -7.05 17.76
CA THR A 24 5.97 -7.79 17.44
C THR A 24 5.62 -8.81 16.35
N LEU A 25 6.45 -8.87 15.31
CA LEU A 25 6.25 -9.80 14.20
C LEU A 25 7.08 -11.05 14.43
N LYS A 26 6.49 -12.20 14.08
CA LYS A 26 7.15 -13.48 14.31
CA LYS A 26 7.14 -13.48 14.30
CA LYS A 26 7.10 -13.52 14.23
CA LYS A 26 7.13 -13.49 14.28
C LYS A 26 8.28 -13.73 13.29
N ASN A 27 8.28 -12.98 12.20
CA ASN A 27 9.37 -13.05 11.24
C ASN A 27 9.39 -11.77 10.42
N ARG A 28 10.37 -11.64 9.54
CA ARG A 28 10.59 -10.40 8.81
C ARG A 28 9.85 -10.37 7.47
N ILE A 29 9.06 -11.39 7.20
CA ILE A 29 8.42 -11.51 5.90
C ILE A 29 7.01 -10.92 5.90
N LEU A 30 6.79 -9.93 5.04
CA LEU A 30 5.45 -9.39 4.82
C LEU A 30 4.87 -9.91 3.51
N MET A 31 3.55 -10.09 3.50
CA MET A 31 2.84 -10.27 2.25
C MET A 31 2.54 -8.87 1.75
N ALA A 32 3.09 -8.52 0.60
CA ALA A 32 2.85 -7.22 0.00
C ALA A 32 1.37 -7.05 -0.33
N PRO A 33 0.88 -5.80 -0.36
CA PRO A 33 -0.49 -5.54 -0.78
C PRO A 33 -0.68 -5.91 -2.25
N LEU A 34 -1.71 -6.70 -2.54
CA LEU A 34 -1.93 -7.18 -3.91
C LEU A 34 -3.41 -7.12 -4.24
N THR A 35 -3.77 -6.16 -5.08
CA THR A 35 -5.12 -6.01 -5.60
C THR A 35 -5.49 -7.25 -6.39
N ARG A 36 -6.65 -7.83 -6.07
CA ARG A 36 -7.12 -9.05 -6.69
C ARG A 36 -8.45 -8.87 -7.44
N CYS A 37 -9.21 -7.84 -7.10
CA CYS A 37 -10.51 -7.56 -7.75
C CYS A 37 -11.50 -8.72 -7.63
N MET A 38 -11.57 -9.32 -6.44
CA MET A 38 -12.41 -10.50 -6.20
C MET A 38 -13.42 -10.29 -5.09
N ALA A 39 -13.63 -9.04 -4.66
CA ALA A 39 -14.67 -8.76 -3.69
C ALA A 39 -16.02 -8.91 -4.36
N ASP A 40 -17.10 -8.98 -3.59
CA ASP A 40 -18.43 -9.06 -4.19
CA ASP A 40 -18.43 -9.04 -4.18
C ASP A 40 -18.81 -7.69 -4.75
N ALA A 41 -19.96 -7.62 -5.42
CA ALA A 41 -20.35 -6.38 -6.11
C ALA A 41 -20.63 -5.21 -5.17
N ASN A 42 -20.87 -5.54 -3.90
CA ASN A 42 -21.03 -4.54 -2.83
CA ASN A 42 -21.03 -4.51 -2.87
C ASN A 42 -19.69 -4.17 -2.21
N LEU A 43 -18.62 -4.71 -2.77
CA LEU A 43 -17.24 -4.47 -2.34
C LEU A 43 -16.99 -5.03 -0.94
N VAL A 44 -17.75 -6.06 -0.58
CA VAL A 44 -17.57 -6.76 0.68
C VAL A 44 -16.64 -7.95 0.48
N PRO A 45 -15.65 -8.10 1.37
CA PRO A 45 -14.78 -9.28 1.26
C PRO A 45 -15.58 -10.57 1.28
N THR A 46 -15.20 -11.52 0.44
CA THR A 46 -15.88 -12.80 0.32
C THR A 46 -15.25 -13.86 1.23
N ASP A 47 -15.97 -14.95 1.44
CA ASP A 47 -15.41 -16.06 2.21
C ASP A 47 -14.22 -16.70 1.48
N ASP A 48 -14.15 -16.56 0.16
CA ASP A 48 -12.97 -17.00 -0.58
C ASP A 48 -11.76 -16.14 -0.22
N MET A 49 -11.99 -14.84 -0.07
CA MET A 49 -10.92 -13.94 0.35
C MET A 49 -10.47 -14.27 1.78
N VAL A 50 -11.41 -14.67 2.63
CA VAL A 50 -11.06 -15.07 3.99
C VAL A 50 -10.06 -16.23 3.94
N ALA A 51 -10.36 -17.24 3.14
CA ALA A 51 -9.49 -18.41 3.03
C ALA A 51 -8.13 -18.05 2.43
N TYR A 52 -8.15 -17.17 1.42
CA TYR A 52 -6.94 -16.70 0.75
C TYR A 52 -5.96 -16.07 1.71
N TYR A 53 -6.45 -15.15 2.54
CA TYR A 53 -5.58 -14.50 3.50
C TYR A 53 -5.19 -15.44 4.62
N ALA A 54 -6.14 -16.26 5.07
CA ALA A 54 -5.90 -17.16 6.19
C ALA A 54 -4.75 -18.10 5.89
N ARG A 55 -4.62 -18.54 4.65
CA ARG A 55 -3.58 -19.51 4.35
C ARG A 55 -2.20 -18.88 4.19
N ARG A 56 -2.13 -17.56 4.33
CA ARG A 56 -0.84 -16.86 4.29
C ARG A 56 -0.44 -16.28 5.63
N ALA A 57 -1.10 -16.76 6.69
CA ALA A 57 -0.88 -16.28 8.04
C ALA A 57 0.48 -16.63 8.66
N GLU A 58 1.31 -17.40 7.95
CA GLU A 58 2.68 -17.61 8.42
C GLU A 58 3.56 -16.40 8.13
N ALA A 59 3.07 -15.48 7.30
CA ALA A 59 3.76 -14.21 7.11
C ALA A 59 3.84 -13.52 8.47
N GLY A 60 4.94 -12.82 8.73
CA GLY A 60 5.05 -12.02 9.92
C GLY A 60 3.96 -10.98 9.96
N LEU A 61 3.61 -10.45 8.80
CA LEU A 61 2.54 -9.46 8.68
C LEU A 61 2.02 -9.50 7.25
N ILE A 62 0.69 -9.55 7.13
CA ILE A 62 0.01 -9.42 5.86
C ILE A 62 -0.38 -7.96 5.70
N ILE A 63 -0.07 -7.38 4.54
CA ILE A 63 -0.69 -6.14 4.13
C ILE A 63 -1.79 -6.51 3.15
N SER A 64 -3.01 -6.12 3.46
CA SER A 64 -4.14 -6.46 2.60
C SER A 64 -4.02 -5.76 1.24
N GLU A 65 -4.73 -6.28 0.27
CA GLU A 65 -4.97 -5.55 -0.96
C GLU A 65 -5.48 -4.14 -0.68
N ALA A 66 -5.21 -3.23 -1.59
CA ALA A 66 -5.70 -1.87 -1.45
C ALA A 66 -7.23 -1.86 -1.26
N THR A 67 -7.68 -1.13 -0.25
CA THR A 67 -9.06 -1.16 0.20
C THR A 67 -9.60 0.27 0.22
N ILE A 68 -10.67 0.52 -0.53
CA ILE A 68 -11.11 1.89 -0.75
C ILE A 68 -11.85 2.47 0.46
N ILE A 69 -11.63 3.76 0.68
CA ILE A 69 -12.20 4.47 1.82
C ILE A 69 -13.59 5.04 1.58
N ARG A 70 -14.01 5.16 0.32
CA ARG A 70 -15.33 5.67 0.00
C ARG A 70 -15.57 5.45 -1.49
N PRO A 71 -16.81 5.63 -1.95
CA PRO A 71 -17.10 5.23 -3.33
C PRO A 71 -16.27 5.89 -4.44
N ASP A 72 -15.99 7.19 -4.34
CA ASP A 72 -15.27 7.86 -5.44
C ASP A 72 -13.78 7.55 -5.44
N ALA A 73 -13.37 6.64 -4.57
CA ALA A 73 -12.01 6.10 -4.59
C ALA A 73 -11.86 4.95 -5.55
N GLN A 74 -12.96 4.41 -6.08
CA GLN A 74 -12.88 3.18 -6.86
C GLN A 74 -12.40 3.39 -8.29
N GLY A 75 -11.38 2.63 -8.67
CA GLY A 75 -10.81 2.69 -10.02
C GLY A 75 -10.72 1.36 -10.74
N TYR A 76 -11.03 0.27 -10.04
CA TYR A 76 -10.94 -1.07 -10.62
C TYR A 76 -12.13 -1.89 -10.12
N PRO A 77 -12.52 -2.92 -10.86
CA PRO A 77 -13.72 -3.68 -10.45
C PRO A 77 -13.52 -4.47 -9.17
N ASN A 78 -14.55 -4.49 -8.32
CA ASN A 78 -14.63 -5.42 -7.20
C ASN A 78 -13.44 -5.33 -6.25
N THR A 79 -12.95 -4.11 -6.05
CA THR A 79 -11.94 -3.87 -5.04
C THR A 79 -12.67 -3.58 -3.73
N PRO A 80 -12.30 -4.28 -2.65
CA PRO A 80 -13.07 -4.13 -1.41
C PRO A 80 -13.00 -2.74 -0.81
N GLY A 81 -14.06 -2.38 -0.10
CA GLY A 81 -14.10 -1.16 0.66
C GLY A 81 -14.10 -1.42 2.17
N ILE A 82 -14.07 -0.34 2.93
CA ILE A 82 -14.19 -0.45 4.36
C ILE A 82 -14.97 0.77 4.91
N PHE A 83 -16.01 1.15 4.18
CA PHE A 83 -16.84 2.29 4.58
C PHE A 83 -18.28 1.92 4.93
N THR A 84 -18.70 0.69 4.66
CA THR A 84 -20.02 0.24 5.08
C THR A 84 -19.95 -0.80 6.19
N GLN A 85 -21.05 -0.97 6.92
CA GLN A 85 -21.07 -1.95 7.99
C GLN A 85 -20.87 -3.36 7.43
N ALA A 86 -21.42 -3.62 6.26
CA ALA A 86 -21.30 -4.93 5.65
C ALA A 86 -19.83 -5.22 5.30
N GLN A 87 -19.12 -4.19 4.84
CA GLN A 87 -17.72 -4.36 4.49
C GLN A 87 -16.89 -4.62 5.75
N ILE A 88 -17.21 -3.89 6.81
CA ILE A 88 -16.55 -4.08 8.10
C ILE A 88 -16.75 -5.52 8.57
N ALA A 89 -17.98 -6.02 8.45
CA ALA A 89 -18.28 -7.38 8.90
C ALA A 89 -17.53 -8.43 8.07
N GLY A 90 -17.41 -8.18 6.77
CA GLY A 90 -16.68 -9.07 5.90
C GLY A 90 -15.20 -9.09 6.23
N TRP A 91 -14.61 -7.91 6.43
CA TRP A 91 -13.22 -7.86 6.85
C TRP A 91 -12.99 -8.49 8.21
N ARG A 92 -13.96 -8.41 9.13
CA ARG A 92 -13.78 -9.01 10.44
C ARG A 92 -13.62 -10.54 10.31
N LYS A 93 -14.31 -11.14 9.35
CA LYS A 93 -14.15 -12.57 9.10
C LYS A 93 -12.72 -12.86 8.64
N VAL A 94 -12.19 -11.99 7.78
CA VAL A 94 -10.81 -12.13 7.31
C VAL A 94 -9.81 -12.02 8.46
N THR A 95 -9.92 -10.96 9.25
CA THR A 95 -8.94 -10.74 10.30
C THR A 95 -9.05 -11.79 11.41
N ASP A 96 -10.28 -12.18 11.75
CA ASP A 96 -10.47 -13.26 12.74
C ASP A 96 -9.78 -14.53 12.27
N ALA A 97 -9.91 -14.85 10.98
CA ALA A 97 -9.31 -16.09 10.45
C ALA A 97 -7.78 -16.02 10.45
N VAL A 98 -7.24 -14.88 10.03
CA VAL A 98 -5.81 -14.67 10.08
C VAL A 98 -5.30 -14.82 11.51
N HIS A 99 -5.97 -14.17 12.46
CA HIS A 99 -5.56 -14.22 13.84
C HIS A 99 -5.66 -15.63 14.42
N ALA A 100 -6.72 -16.35 14.08
CA ALA A 100 -6.90 -17.72 14.52
C ALA A 100 -5.74 -18.61 14.06
N ASN A 101 -5.16 -18.25 12.92
CA ASN A 101 -4.01 -18.97 12.39
C ASN A 101 -2.65 -18.44 12.88
N GLY A 102 -2.68 -17.51 13.83
CA GLY A 102 -1.46 -16.99 14.42
C GLY A 102 -0.81 -15.90 13.59
N GLY A 103 -1.57 -15.30 12.68
CA GLY A 103 -1.01 -14.23 11.86
C GLY A 103 -1.40 -12.83 12.33
N LYS A 104 -0.91 -11.85 11.60
CA LYS A 104 -1.20 -10.44 11.82
CA LYS A 104 -1.28 -10.47 11.82
C LYS A 104 -1.52 -9.81 10.47
N ILE A 105 -2.37 -8.78 10.47
CA ILE A 105 -2.76 -8.17 9.20
C ILE A 105 -3.08 -6.68 9.37
N PHE A 106 -2.53 -5.89 8.45
CA PHE A 106 -2.86 -4.48 8.30
C PHE A 106 -3.72 -4.34 7.05
N VAL A 107 -4.68 -3.42 7.08
CA VAL A 107 -5.42 -3.09 5.87
C VAL A 107 -4.65 -1.99 5.16
N GLN A 108 -4.66 -1.97 3.83
CA GLN A 108 -4.06 -0.87 3.10
C GLN A 108 -5.19 0.06 2.65
N LEU A 109 -5.17 1.31 3.14
CA LEU A 109 -6.27 2.24 2.86
C LEU A 109 -5.99 3.06 1.61
N TRP A 110 -6.97 3.05 0.70
CA TRP A 110 -6.79 3.52 -0.68
C TRP A 110 -7.77 4.61 -1.07
N HIS A 111 -7.23 5.61 -1.76
CA HIS A 111 -8.05 6.43 -2.63
C HIS A 111 -7.25 6.59 -3.91
N THR A 112 -7.91 6.36 -5.05
CA THR A 112 -7.17 6.32 -6.33
C THR A 112 -7.02 7.68 -6.99
N GLY A 113 -7.77 8.67 -6.53
CA GLY A 113 -7.60 10.03 -7.02
C GLY A 113 -7.96 10.06 -8.51
N ARG A 114 -7.07 10.62 -9.32
CA ARG A 114 -7.32 10.75 -10.77
C ARG A 114 -7.38 9.42 -11.51
N VAL A 115 -7.03 8.33 -10.83
CA VAL A 115 -7.06 6.99 -11.42
C VAL A 115 -8.39 6.28 -11.12
N ALA A 116 -9.30 6.98 -10.46
CA ALA A 116 -10.64 6.45 -10.24
C ALA A 116 -11.40 6.50 -11.56
N HIS A 117 -12.54 5.83 -11.61
CA HIS A 117 -13.38 5.92 -12.80
C HIS A 117 -14.86 5.97 -12.44
N PRO A 118 -15.57 6.96 -12.99
CA PRO A 118 -16.97 7.21 -12.64
C PRO A 118 -17.95 6.08 -12.93
N HIS A 119 -17.61 5.20 -13.87
CA HIS A 119 -18.36 3.96 -14.07
C HIS A 119 -18.64 3.24 -12.75
N PHE A 120 -17.70 3.31 -11.81
CA PHE A 120 -17.83 2.57 -10.56
C PHE A 120 -18.66 3.26 -9.48
N PHE A 121 -18.88 4.57 -9.62
CA PHE A 121 -19.63 5.29 -8.59
C PHE A 121 -20.65 6.28 -9.18
N GLY A 122 -21.43 5.79 -10.15
CA GLY A 122 -22.60 6.50 -10.61
C GLY A 122 -22.35 7.81 -11.33
N GLY A 123 -21.21 7.93 -11.98
CA GLY A 123 -20.93 9.09 -12.81
C GLY A 123 -20.44 10.32 -12.06
N GLY A 124 -20.09 10.16 -10.79
CA GLY A 124 -19.61 11.29 -10.01
C GLY A 124 -18.26 11.82 -10.47
N ASP A 125 -17.79 12.87 -9.82
CA ASP A 125 -16.52 13.50 -10.16
C ASP A 125 -15.34 12.67 -9.71
N VAL A 126 -14.36 12.53 -10.60
CA VAL A 126 -13.07 12.00 -10.23
C VAL A 126 -12.29 13.15 -9.59
N LEU A 127 -11.61 12.88 -8.47
CA LEU A 127 -10.95 13.92 -7.70
C LEU A 127 -9.44 13.78 -7.71
N ALA A 128 -8.73 14.91 -7.75
CA ALA A 128 -7.28 14.89 -7.74
C ALA A 128 -6.76 16.25 -7.33
N PRO A 129 -5.46 16.36 -7.07
CA PRO A 129 -4.92 17.69 -6.72
C PRO A 129 -5.13 18.72 -7.82
N SER A 130 -5.01 18.28 -9.07
CA SER A 130 -5.15 19.16 -10.23
C SER A 130 -5.88 18.47 -11.35
N ALA A 131 -6.41 19.26 -12.28
CA ALA A 131 -7.16 18.76 -13.42
C ALA A 131 -6.21 18.27 -14.51
N GLN A 132 -5.49 17.21 -14.18
CA GLN A 132 -4.52 16.60 -15.06
C GLN A 132 -4.87 15.14 -15.25
N LYS A 133 -5.36 14.82 -16.44
CA LYS A 133 -5.86 13.49 -16.78
C LYS A 133 -4.70 12.55 -17.10
N ILE A 134 -4.82 11.28 -16.68
CA ILE A 134 -3.84 10.28 -17.10
C ILE A 134 -4.23 9.70 -18.46
N GLU A 135 -3.27 9.07 -19.12
CA GLU A 135 -3.53 8.45 -20.41
C GLU A 135 -4.26 7.13 -20.25
N GLY A 136 -5.11 6.81 -21.22
CA GLY A 136 -5.61 5.46 -21.36
C GLY A 136 -6.95 5.14 -20.76
N SER A 137 -7.09 3.89 -20.35
CA SER A 137 -8.35 3.36 -19.85
CA SER A 137 -8.35 3.36 -19.85
C SER A 137 -8.10 2.32 -18.75
N VAL A 138 -9.15 2.00 -17.99
CA VAL A 138 -9.03 1.04 -16.90
C VAL A 138 -8.64 -0.33 -17.46
N PRO A 139 -7.61 -0.96 -16.87
CA PRO A 139 -7.17 -2.27 -17.37
CA PRO A 139 -7.17 -2.27 -17.38
C PRO A 139 -8.26 -3.33 -17.29
N ARG A 140 -8.27 -4.23 -18.26
CA ARG A 140 -9.19 -5.37 -18.27
C ARG A 140 -10.65 -4.96 -18.22
N MET A 141 -10.93 -3.73 -18.67
CA MET A 141 -12.31 -3.26 -18.79
C MET A 141 -12.55 -2.73 -20.19
N ARG A 142 -13.82 -2.76 -20.59
CA ARG A 142 -14.22 -2.29 -21.89
C ARG A 142 -14.47 -0.78 -21.89
N GLU A 143 -13.58 -0.03 -22.54
CA GLU A 143 -13.89 1.35 -22.92
C GLU A 143 -14.08 2.31 -21.74
N LEU A 144 -13.43 2.05 -20.61
CA LEU A 144 -13.53 2.97 -19.48
C LEU A 144 -12.34 3.92 -19.53
N THR A 145 -12.44 4.90 -20.41
CA THR A 145 -11.36 5.86 -20.60
CA THR A 145 -11.38 5.88 -20.62
C THR A 145 -11.25 6.80 -19.41
N TYR A 146 -10.02 7.04 -18.98
CA TYR A 146 -9.79 7.92 -17.83
C TYR A 146 -10.27 9.31 -18.16
N VAL A 147 -10.71 10.04 -17.14
CA VAL A 147 -11.31 11.35 -17.36
C VAL A 147 -10.50 12.44 -16.68
N THR A 148 -10.73 13.67 -17.10
CA THR A 148 -10.06 14.79 -16.47
C THR A 148 -10.66 14.96 -15.08
N PRO A 149 -9.80 14.90 -14.05
CA PRO A 149 -10.33 15.06 -12.69
C PRO A 149 -10.71 16.49 -12.36
N LYS A 150 -11.56 16.65 -11.35
CA LYS A 150 -11.79 17.94 -10.76
C LYS A 150 -10.68 18.20 -9.75
N ALA A 151 -10.07 19.37 -9.81
CA ALA A 151 -9.11 19.78 -8.79
C ALA A 151 -9.85 19.96 -7.48
N VAL A 152 -9.44 19.22 -6.45
CA VAL A 152 -10.16 19.25 -5.19
C VAL A 152 -10.09 20.64 -4.57
N THR A 153 -11.18 21.06 -3.94
CA THR A 153 -11.15 22.29 -3.17
C THR A 153 -10.63 21.94 -1.78
N VAL A 154 -10.30 22.95 -0.98
CA VAL A 154 -9.83 22.72 0.37
CA VAL A 154 -9.83 22.71 0.37
C VAL A 154 -10.92 22.01 1.17
N GLU A 155 -12.18 22.26 0.84
CA GLU A 155 -13.28 21.58 1.53
C GLU A 155 -13.32 20.10 1.13
N ASP A 156 -13.10 19.80 -0.16
CA ASP A 156 -12.97 18.40 -0.58
C ASP A 156 -11.85 17.73 0.20
N ILE A 157 -10.72 18.42 0.34
CA ILE A 157 -9.58 17.86 1.05
C ILE A 157 -9.92 17.57 2.51
N GLN A 158 -10.59 18.51 3.17
CA GLN A 158 -11.00 18.27 4.55
C GLN A 158 -11.89 17.02 4.67
N GLY A 159 -12.79 16.83 3.71
CA GLY A 159 -13.65 15.66 3.71
C GLY A 159 -12.87 14.37 3.47
N LEU A 160 -11.87 14.44 2.60
CA LEU A 160 -11.04 13.28 2.31
C LEU A 160 -10.26 12.86 3.55
N VAL A 161 -9.67 13.82 4.24
CA VAL A 161 -8.96 13.53 5.49
C VAL A 161 -9.90 12.91 6.50
N ARG A 162 -11.09 13.50 6.63
CA ARG A 162 -12.13 12.97 7.50
C ARG A 162 -12.45 11.52 7.15
N ASP A 163 -12.58 11.24 5.86
CA ASP A 163 -12.95 9.89 5.43
C ASP A 163 -11.82 8.86 5.56
N TYR A 164 -10.57 9.29 5.39
CA TYR A 164 -9.45 8.41 5.75
C TYR A 164 -9.53 8.07 7.24
N ALA A 165 -9.81 9.08 8.07
CA ALA A 165 -9.89 8.90 9.51
C ALA A 165 -11.04 7.99 9.90
N LYS A 166 -12.19 8.18 9.27
CA LYS A 166 -13.34 7.32 9.54
C LYS A 166 -13.05 5.88 9.12
N ALA A 167 -12.41 5.71 7.97
CA ALA A 167 -12.02 4.36 7.55
C ALA A 167 -11.12 3.73 8.61
N ALA A 168 -10.17 4.50 9.16
CA ALA A 168 -9.29 3.96 10.19
C ALA A 168 -10.05 3.55 11.45
N GLU A 169 -11.07 4.32 11.81
CA GLU A 169 -11.95 3.93 12.93
C GLU A 169 -12.63 2.60 12.63
N ASN A 170 -13.10 2.45 11.40
CA ASN A 170 -13.76 1.23 10.97
C ASN A 170 -12.81 0.04 11.00
N VAL A 171 -11.52 0.31 10.77
CA VAL A 171 -10.51 -0.73 10.77
C VAL A 171 -10.42 -1.39 12.16
N ILE A 172 -10.64 -0.61 13.21
CA ILE A 172 -10.66 -1.15 14.55
C ILE A 172 -11.78 -2.17 14.71
N GLU A 173 -12.98 -1.79 14.27
CA GLU A 173 -14.14 -2.65 14.34
C GLU A 173 -13.96 -3.90 13.47
N ALA A 174 -13.21 -3.75 12.37
CA ALA A 174 -12.95 -4.86 11.47
C ALA A 174 -11.85 -5.80 11.99
N GLY A 175 -11.22 -5.42 13.10
CA GLY A 175 -10.27 -6.28 13.78
C GLY A 175 -8.88 -6.37 13.16
N PHE A 176 -8.50 -5.39 12.35
CA PHE A 176 -7.13 -5.36 11.85
C PHE A 176 -6.17 -4.98 12.96
N ASP A 177 -4.90 -5.34 12.80
CA ASP A 177 -3.86 -4.90 13.72
C ASP A 177 -3.38 -3.48 13.46
N GLY A 178 -3.67 -2.98 12.26
CA GLY A 178 -3.25 -1.63 11.90
C GLY A 178 -3.60 -1.28 10.47
N VAL A 179 -3.07 -0.15 10.03
CA VAL A 179 -3.31 0.41 8.71
CA VAL A 179 -3.30 0.31 8.67
C VAL A 179 -2.00 0.70 7.99
N GLU A 180 -1.88 0.30 6.74
CA GLU A 180 -0.85 0.86 5.87
C GLU A 180 -1.57 1.88 4.97
N ILE A 181 -1.16 3.13 5.07
CA ILE A 181 -1.75 4.18 4.25
C ILE A 181 -1.15 4.08 2.86
N HIS A 182 -2.00 3.99 1.83
CA HIS A 182 -1.48 3.88 0.47
C HIS A 182 -1.05 5.25 -0.05
N GLY A 183 0.23 5.56 0.15
CA GLY A 183 0.77 6.84 -0.27
C GLY A 183 1.62 6.74 -1.52
N ALA A 184 1.41 5.70 -2.31
CA ALA A 184 2.36 5.31 -3.35
C ALA A 184 1.70 5.15 -4.71
N ASN A 185 2.53 4.88 -5.72
CA ASN A 185 2.11 4.34 -7.00
C ASN A 185 1.07 5.16 -7.74
N GLY A 186 1.16 6.48 -7.63
CA GLY A 186 0.35 7.37 -8.44
C GLY A 186 -1.09 7.51 -7.98
N TYR A 187 -1.40 7.01 -6.79
CA TYR A 187 -2.75 7.16 -6.28
C TYR A 187 -2.90 8.47 -5.49
N LEU A 188 -4.01 8.69 -4.78
CA LEU A 188 -4.35 10.06 -4.38
C LEU A 188 -3.24 10.78 -3.61
N ILE A 189 -2.72 10.15 -2.57
CA ILE A 189 -1.73 10.80 -1.73
C ILE A 189 -0.46 11.06 -2.54
N ASP A 190 -0.02 10.06 -3.29
CA ASP A 190 1.14 10.20 -4.15
C ASP A 190 0.94 11.32 -5.19
N GLN A 191 -0.30 11.54 -5.64
CA GLN A 191 -0.58 12.60 -6.60
C GLN A 191 -0.25 13.99 -6.05
N PHE A 192 -0.45 14.19 -4.75
CA PHE A 192 -0.05 15.47 -4.13
C PHE A 192 1.47 15.61 -4.04
N LEU A 193 2.19 14.49 -3.96
CA LEU A 193 3.63 14.51 -3.74
C LEU A 193 4.47 14.70 -5.01
N HIS A 194 3.82 14.66 -6.17
CA HIS A 194 4.53 14.75 -7.45
C HIS A 194 4.06 15.93 -8.30
N HIS A 195 4.99 16.56 -9.01
CA HIS A 195 4.69 17.73 -9.82
C HIS A 195 3.82 17.45 -11.05
N ASP A 196 3.92 16.26 -11.62
CA ASP A 196 3.11 15.93 -12.79
C ASP A 196 1.63 16.11 -12.45
N SER A 197 1.25 15.59 -11.28
CA SER A 197 -0.15 15.56 -10.89
C SER A 197 -0.57 16.74 -10.02
N ASN A 198 0.37 17.36 -9.34
CA ASN A 198 0.06 18.47 -8.44
C ASN A 198 0.62 19.76 -8.97
N ARG A 199 -0.27 20.53 -9.59
CA ARG A 199 0.09 21.83 -10.14
C ARG A 199 -0.63 22.93 -9.39
N ARG A 200 -0.98 22.66 -8.14
CA ARG A 200 -1.74 23.59 -7.32
C ARG A 200 -0.90 24.80 -6.97
N THR A 201 -1.60 25.91 -6.72
CA THR A 201 -0.94 27.16 -6.33
C THR A 201 -1.38 27.61 -4.93
N ASP A 202 -2.12 26.76 -4.23
CA ASP A 202 -2.51 27.05 -2.86
C ASP A 202 -1.60 26.36 -1.85
N GLU A 203 -2.06 26.23 -0.61
CA GLU A 203 -1.22 25.68 0.46
C GLU A 203 -0.97 24.17 0.34
N TYR A 204 -1.51 23.54 -0.71
CA TYR A 204 -1.25 22.13 -0.97
C TYR A 204 -0.38 21.92 -2.21
N GLY A 205 0.15 23.00 -2.78
CA GLY A 205 1.02 22.88 -3.93
C GLY A 205 2.25 23.76 -3.91
N GLY A 206 3.16 23.53 -4.84
CA GLY A 206 4.28 24.41 -5.06
C GLY A 206 5.54 23.96 -4.34
N THR A 207 5.53 24.08 -3.02
CA THR A 207 6.71 23.82 -2.21
C THR A 207 6.66 22.43 -1.61
N PRO A 208 7.83 21.88 -1.26
CA PRO A 208 7.87 20.58 -0.57
C PRO A 208 6.93 20.52 0.65
N VAL A 209 6.94 21.55 1.48
CA VAL A 209 6.08 21.60 2.65
CA VAL A 209 6.07 21.58 2.66
C VAL A 209 4.61 21.51 2.25
N ASN A 210 4.25 22.26 1.21
CA ASN A 210 2.86 22.30 0.78
C ASN A 210 2.44 20.98 0.13
N MET A 211 3.31 20.42 -0.71
CA MET A 211 2.98 19.19 -1.41
C MET A 211 2.90 18.01 -0.46
N SER A 212 3.63 18.10 0.66
CA SER A 212 3.62 17.06 1.69
C SER A 212 2.44 17.19 2.65
N ARG A 213 1.74 18.32 2.60
CA ARG A 213 0.74 18.64 3.61
C ARG A 213 -0.38 17.61 3.66
N PHE A 214 -0.92 17.23 2.51
CA PHE A 214 -2.03 16.27 2.47
C PHE A 214 -1.60 14.93 3.09
N ALA A 215 -0.44 14.42 2.68
CA ALA A 215 0.06 13.16 3.20
C ALA A 215 0.16 13.22 4.73
N LEU A 216 0.70 14.32 5.24
CA LEU A 216 0.91 14.44 6.68
C LEU A 216 -0.42 14.63 7.42
N GLU A 217 -1.37 15.32 6.82
CA GLU A 217 -2.68 15.46 7.45
C GLU A 217 -3.39 14.11 7.57
N VAL A 218 -3.27 13.29 6.53
CA VAL A 218 -3.86 11.95 6.58
C VAL A 218 -3.18 11.07 7.62
N VAL A 219 -1.84 11.07 7.60
CA VAL A 219 -1.07 10.31 8.59
C VAL A 219 -1.48 10.72 10.00
N ASP A 220 -1.50 12.02 10.26
CA ASP A 220 -1.83 12.51 11.61
C ASP A 220 -3.27 12.19 11.99
N ALA A 221 -4.20 12.30 11.04
CA ALA A 221 -5.60 12.02 11.34
C ALA A 221 -5.77 10.54 11.71
N ILE A 222 -5.02 9.69 11.03
CA ILE A 222 -5.17 8.26 11.25
C ILE A 222 -4.49 7.85 12.55
N ILE A 223 -3.34 8.46 12.82
CA ILE A 223 -2.67 8.24 14.11
C ILE A 223 -3.60 8.62 15.26
N ALA A 224 -4.33 9.72 15.10
CA ALA A 224 -5.26 10.15 16.14
C ALA A 224 -6.37 9.12 16.39
N ARG A 225 -6.62 8.23 15.43
CA ARG A 225 -7.65 7.21 15.57
C ARG A 225 -7.11 5.89 16.13
N ILE A 226 -5.98 5.43 15.61
CA ILE A 226 -5.50 4.09 15.92
C ILE A 226 -4.11 4.04 16.57
N GLY A 227 -3.43 5.18 16.60
CA GLY A 227 -2.12 5.27 17.21
C GLY A 227 -0.99 5.04 16.24
N HIS A 228 0.14 5.69 16.51
CA HIS A 228 1.32 5.57 15.67
C HIS A 228 1.84 4.15 15.52
N ASP A 229 1.71 3.33 16.57
CA ASP A 229 2.23 1.96 16.50
C ASP A 229 1.48 1.09 15.51
N ARG A 230 0.29 1.52 15.12
CA ARG A 230 -0.57 0.76 14.24
C ARG A 230 -0.68 1.40 12.86
N THR A 231 0.17 2.39 12.59
CA THR A 231 0.11 3.15 11.34
C THR A 231 1.41 3.04 10.56
N GLY A 232 1.30 2.53 9.34
CA GLY A 232 2.41 2.52 8.40
C GLY A 232 2.05 3.30 7.16
N LEU A 233 3.04 3.56 6.32
CA LEU A 233 2.81 4.33 5.11
C LEU A 233 3.63 3.77 3.98
N ARG A 234 2.98 3.52 2.84
CA ARG A 234 3.69 3.13 1.62
C ARG A 234 3.95 4.35 0.76
N ILE A 235 5.18 4.47 0.26
CA ILE A 235 5.57 5.62 -0.56
C ILE A 235 6.33 5.18 -1.80
N SER A 236 6.30 6.06 -2.79
CA SER A 236 7.01 5.90 -4.06
CA SER A 236 7.09 5.87 -4.00
C SER A 236 7.72 7.20 -4.40
N PRO A 237 8.97 7.38 -3.96
CA PRO A 237 9.69 8.63 -4.28
C PRO A 237 9.89 8.79 -5.78
N GLY A 238 9.97 7.65 -6.46
CA GLY A 238 10.06 7.64 -7.91
C GLY A 238 8.70 7.83 -8.55
N ALA A 239 8.65 7.68 -9.87
CA ALA A 239 7.41 7.81 -10.63
C ALA A 239 7.15 6.55 -11.43
N TYR A 240 6.52 6.69 -12.59
CA TYR A 240 6.40 5.60 -13.58
C TYR A 240 5.29 4.59 -13.31
N PHE A 241 4.39 4.88 -12.38
CA PHE A 241 3.11 4.19 -12.33
C PHE A 241 2.00 5.25 -12.35
N ASN A 242 1.40 5.41 -13.52
CA ASN A 242 0.47 6.52 -13.81
C ASN A 242 1.01 7.85 -13.30
N MET A 243 2.30 8.09 -13.52
CA MET A 243 2.94 9.30 -13.04
C MET A 243 4.14 9.62 -13.91
N ALA A 244 4.11 10.78 -14.55
CA ALA A 244 5.27 11.24 -15.30
C ALA A 244 6.34 11.73 -14.31
N SER A 245 7.60 11.49 -14.63
CA SER A 245 8.68 11.91 -13.74
C SER A 245 8.87 13.41 -13.78
N ASP A 246 9.48 13.93 -12.72
CA ASP A 246 9.85 15.33 -12.63
C ASP A 246 11.08 15.41 -11.75
N SER A 247 12.11 16.09 -12.24
CA SER A 247 13.38 16.21 -11.52
C SER A 247 13.24 16.92 -10.17
N ARG A 248 12.11 17.60 -9.95
CA ARG A 248 11.89 18.33 -8.72
C ARG A 248 11.20 17.51 -7.63
N ASP A 249 10.73 16.30 -7.98
CA ASP A 249 9.99 15.50 -7.00
C ASP A 249 10.84 15.05 -5.81
N ARG A 250 12.12 14.81 -6.04
CA ARG A 250 12.98 14.29 -4.99
C ARG A 250 13.03 15.20 -3.75
N VAL A 251 13.06 16.52 -3.96
CA VAL A 251 13.14 17.43 -2.82
C VAL A 251 11.87 17.42 -1.97
N VAL A 252 10.75 16.99 -2.57
CA VAL A 252 9.53 16.81 -1.79
C VAL A 252 9.76 15.71 -0.77
N PHE A 253 10.30 14.59 -1.23
CA PHE A 253 10.58 13.47 -0.34
C PHE A 253 11.71 13.77 0.63
N ASP A 254 12.65 14.61 0.23
CA ASP A 254 13.70 15.05 1.15
C ASP A 254 13.07 15.72 2.36
N TYR A 255 11.99 16.47 2.14
CA TYR A 255 11.27 17.13 3.24
C TYR A 255 10.36 16.14 3.97
N LEU A 256 9.60 15.37 3.20
CA LEU A 256 8.60 14.47 3.77
C LEU A 256 9.21 13.45 4.74
N LEU A 257 10.31 12.83 4.36
CA LEU A 257 10.83 11.72 5.15
C LEU A 257 11.19 12.09 6.59
N PRO A 258 11.95 13.19 6.80
CA PRO A 258 12.19 13.53 8.21
C PRO A 258 10.91 13.90 8.98
N GLU A 259 9.94 14.52 8.32
CA GLU A 259 8.66 14.79 8.95
C GLU A 259 7.98 13.51 9.38
N LEU A 260 8.05 12.49 8.53
CA LEU A 260 7.44 11.21 8.85
C LEU A 260 8.12 10.58 10.05
N GLU A 261 9.44 10.74 10.14
CA GLU A 261 10.19 10.14 11.23
CA GLU A 261 10.23 10.19 11.24
C GLU A 261 9.71 10.69 12.58
N LYS A 262 9.24 11.95 12.60
CA LYS A 262 8.71 12.53 13.83
C LYS A 262 7.49 11.78 14.35
N ARG A 263 6.76 11.12 13.45
CA ARG A 263 5.53 10.43 13.81
C ARG A 263 5.78 9.03 14.38
N ASP A 264 7.02 8.58 14.31
CA ASP A 264 7.40 7.28 14.87
C ASP A 264 6.41 6.18 14.42
N LEU A 265 6.29 6.06 13.10
CA LEU A 265 5.38 5.09 12.50
C LEU A 265 5.82 3.66 12.71
N ALA A 266 4.88 2.74 12.52
CA ALA A 266 5.19 1.32 12.58
C ALA A 266 6.22 0.96 11.53
N PHE A 267 6.05 1.53 10.33
CA PHE A 267 7.00 1.35 9.26
C PHE A 267 6.70 2.29 8.12
N VAL A 268 7.72 2.56 7.33
CA VAL A 268 7.57 3.09 6.00
C VAL A 268 7.90 1.93 5.07
N HIS A 269 7.18 1.86 3.95
CA HIS A 269 7.24 0.73 3.03
C HIS A 269 7.39 1.33 1.64
N ILE A 270 8.41 0.89 0.91
CA ILE A 270 8.57 1.33 -0.47
CA ILE A 270 8.61 1.28 -0.49
C ILE A 270 7.62 0.56 -1.37
N GLY A 271 7.11 1.26 -2.40
CA GLY A 271 6.21 0.66 -3.37
C GLY A 271 6.85 0.74 -4.74
N ILE A 272 7.51 -0.34 -5.14
CA ILE A 272 8.20 -0.41 -6.42
CA ILE A 272 8.14 -0.41 -6.45
C ILE A 272 8.17 -1.87 -6.88
N PHE A 273 8.40 -2.10 -8.16
CA PHE A 273 8.33 -3.47 -8.68
C PHE A 273 9.68 -4.15 -8.73
N ASP A 274 10.75 -3.40 -8.98
CA ASP A 274 12.09 -3.96 -9.02
C ASP A 274 13.06 -2.98 -8.38
N ASP A 275 13.44 -3.27 -7.14
CA ASP A 275 14.29 -2.38 -6.37
C ASP A 275 15.76 -2.48 -6.82
N SER A 276 16.04 -3.28 -7.84
CA SER A 276 17.40 -3.32 -8.41
C SER A 276 17.63 -2.16 -9.36
N ILE A 277 16.55 -1.49 -9.75
CA ILE A 277 16.66 -0.34 -10.63
C ILE A 277 17.22 0.87 -9.87
N GLU A 278 18.16 1.55 -10.50
CA GLU A 278 18.74 2.77 -9.97
C GLU A 278 18.09 3.96 -10.66
N PHE A 279 17.62 4.93 -9.88
CA PHE A 279 16.97 6.12 -10.44
C PHE A 279 17.86 7.34 -10.28
N ASP A 280 18.13 8.02 -11.39
CA ASP A 280 18.99 9.20 -11.40
C ASP A 280 18.57 10.23 -10.37
N TYR A 281 17.27 10.53 -10.38
CA TYR A 281 16.72 11.56 -9.52
C TYR A 281 16.87 11.22 -8.04
N LEU A 282 17.02 9.94 -7.74
CA LEU A 282 17.16 9.49 -6.35
C LEU A 282 18.61 9.18 -5.98
N GLY A 283 19.51 9.22 -6.96
CA GLY A 283 20.91 8.93 -6.72
C GLY A 283 21.17 7.45 -6.50
N GLY A 284 20.27 6.61 -7.02
CA GLY A 284 20.38 5.17 -6.82
C GLY A 284 19.03 4.50 -6.66
N THR A 285 19.02 3.37 -5.96
CA THR A 285 17.80 2.60 -5.78
C THR A 285 16.85 3.32 -4.83
N ALA A 286 15.56 3.04 -4.97
CA ALA A 286 14.55 3.63 -4.11
C ALA A 286 14.83 3.32 -2.64
N SER A 287 15.13 2.07 -2.33
CA SER A 287 15.33 1.69 -0.93
C SER A 287 16.55 2.41 -0.34
N SER A 288 17.64 2.50 -1.10
CA SER A 288 18.83 3.17 -0.60
C SER A 288 18.58 4.67 -0.41
N TYR A 289 17.79 5.28 -1.30
CA TYR A 289 17.41 6.67 -1.11
C TYR A 289 16.64 6.86 0.20
N VAL A 290 15.64 6.01 0.43
CA VAL A 290 14.85 6.16 1.64
C VAL A 290 15.68 5.88 2.87
N ARG A 291 16.52 4.86 2.81
CA ARG A 291 17.36 4.48 3.95
C ARG A 291 18.31 5.61 4.32
N ALA A 292 18.73 6.38 3.32
CA ALA A 292 19.63 7.53 3.52
C ALA A 292 18.93 8.74 4.14
N HIS A 293 17.61 8.78 4.08
CA HIS A 293 16.85 9.94 4.51
C HIS A 293 15.83 9.63 5.61
N TYR A 294 15.85 8.40 6.10
CA TYR A 294 14.85 7.93 7.07
C TYR A 294 15.49 6.86 7.93
N GLY A 295 15.45 7.04 9.25
CA GLY A 295 16.19 6.18 10.15
C GLY A 295 15.39 5.21 10.99
N LYS A 296 14.13 4.96 10.60
CA LYS A 296 13.28 4.03 11.33
C LYS A 296 12.92 2.83 10.46
N THR A 297 12.10 1.92 11.00
CA THR A 297 11.84 0.65 10.32
C THR A 297 11.41 0.87 8.89
N LEU A 298 12.07 0.16 7.98
CA LEU A 298 11.82 0.27 6.55
C LEU A 298 11.53 -1.10 5.96
N VAL A 299 10.45 -1.17 5.18
CA VAL A 299 10.11 -2.38 4.44
C VAL A 299 10.55 -2.22 2.99
N GLY A 300 11.43 -3.12 2.56
CA GLY A 300 11.87 -3.18 1.18
C GLY A 300 10.96 -4.10 0.38
N VAL A 301 10.99 -3.95 -0.95
CA VAL A 301 10.15 -4.75 -1.84
C VAL A 301 10.66 -4.61 -3.25
N GLY A 302 10.31 -5.57 -4.10
CA GLY A 302 10.47 -5.41 -5.52
C GLY A 302 11.49 -6.35 -6.10
N SER A 303 11.01 -7.51 -6.53
CA SER A 303 11.80 -8.50 -7.25
C SER A 303 12.89 -9.13 -6.40
N TYR A 304 12.69 -9.10 -5.08
CA TYR A 304 13.62 -9.79 -4.18
C TYR A 304 13.29 -11.26 -4.09
N SER A 305 14.34 -12.09 -4.07
CA SER A 305 14.19 -13.47 -3.65
C SER A 305 14.44 -13.50 -2.15
N ALA A 306 14.14 -14.62 -1.50
CA ALA A 306 14.43 -14.76 -0.09
C ALA A 306 15.93 -14.51 0.12
N GLU A 307 16.73 -15.04 -0.79
CA GLU A 307 18.18 -14.93 -0.67
C GLU A 307 18.67 -13.48 -0.78
N THR A 308 18.21 -12.74 -1.77
CA THR A 308 18.68 -11.37 -1.96
C THR A 308 18.12 -10.42 -0.89
N ALA A 309 16.91 -10.72 -0.42
CA ALA A 309 16.31 -9.95 0.66
C ALA A 309 17.07 -10.16 1.98
N SER A 310 17.42 -11.41 2.25
CA SER A 310 18.18 -11.74 3.45
C SER A 310 19.51 -10.99 3.45
N LYS A 311 20.17 -10.98 2.30
CA LYS A 311 21.46 -10.30 2.16
C LYS A 311 21.28 -8.79 2.41
N ALA A 312 20.24 -8.23 1.81
CA ALA A 312 19.96 -6.81 1.95
C ALA A 312 19.73 -6.43 3.41
N ILE A 313 18.96 -7.25 4.12
CA ILE A 313 18.68 -7.01 5.52
C ILE A 313 19.97 -7.17 6.34
N ALA A 314 20.77 -8.17 6.01
CA ALA A 314 22.05 -8.36 6.69
C ALA A 314 22.95 -7.13 6.49
N GLU A 315 22.82 -6.49 5.34
CA GLU A 315 23.62 -5.32 4.99
C GLU A 315 22.98 -4.00 5.43
N ASP A 316 21.92 -4.08 6.22
CA ASP A 316 21.31 -2.90 6.81
C ASP A 316 20.68 -1.96 5.75
N LYS A 317 20.25 -2.54 4.63
CA LYS A 317 19.60 -1.76 3.57
C LYS A 317 18.14 -1.47 3.91
N PHE A 318 17.52 -2.39 4.63
CA PHE A 318 16.17 -2.22 5.16
C PHE A 318 15.93 -3.32 6.20
N ASP A 319 14.75 -3.32 6.81
CA ASP A 319 14.55 -4.15 8.00
C ASP A 319 13.59 -5.31 7.79
N LEU A 320 12.61 -5.12 6.90
CA LEU A 320 11.59 -6.12 6.64
C LEU A 320 11.47 -6.28 5.14
N ILE A 321 11.06 -7.46 4.70
CA ILE A 321 10.90 -7.70 3.28
C ILE A 321 9.45 -8.05 2.96
N ALA A 322 8.87 -7.26 2.06
CA ALA A 322 7.55 -7.57 1.52
C ALA A 322 7.76 -8.40 0.26
N ILE A 323 6.91 -9.43 0.11
CA ILE A 323 6.95 -10.33 -1.01
C ILE A 323 5.57 -10.29 -1.66
N GLY A 324 5.54 -10.04 -2.97
CA GLY A 324 4.27 -9.89 -3.67
C GLY A 324 3.95 -11.06 -4.56
N ARG A 325 4.45 -11.01 -5.79
CA ARG A 325 4.11 -12.00 -6.79
C ARG A 325 4.41 -13.44 -6.34
N PRO A 326 5.54 -13.66 -5.65
CA PRO A 326 5.78 -15.04 -5.21
C PRO A 326 4.75 -15.55 -4.19
N PHE A 327 4.12 -14.64 -3.46
CA PHE A 327 3.07 -15.02 -2.52
C PHE A 327 1.76 -15.39 -3.22
N ILE A 328 1.58 -14.91 -4.45
CA ILE A 328 0.44 -15.35 -5.26
C ILE A 328 0.70 -16.73 -5.81
N ALA A 329 1.90 -16.93 -6.35
CA ALA A 329 2.32 -18.21 -6.93
C ALA A 329 2.49 -19.31 -5.89
N ASN A 330 2.82 -18.92 -4.66
CA ASN A 330 3.12 -19.85 -3.58
C ASN A 330 2.43 -19.42 -2.29
N PRO A 331 1.21 -19.91 -2.06
CA PRO A 331 0.53 -19.56 -0.81
C PRO A 331 1.38 -19.98 0.39
N ASP A 332 2.13 -21.05 0.20
CA ASP A 332 2.97 -21.63 1.25
C ASP A 332 4.40 -21.08 1.19
N TYR A 333 4.53 -19.87 0.65
CA TYR A 333 5.83 -19.22 0.49
C TYR A 333 6.72 -19.34 1.73
N VAL A 334 6.18 -19.03 2.89
CA VAL A 334 7.00 -18.94 4.09
C VAL A 334 7.55 -20.31 4.46
N ALA A 335 6.71 -21.33 4.41
CA ALA A 335 7.13 -22.68 4.77
C ALA A 335 8.15 -23.20 3.77
N LYS A 336 7.93 -22.90 2.49
CA LYS A 336 8.84 -23.33 1.45
C LYS A 336 10.23 -22.69 1.62
N VAL A 337 10.27 -21.40 1.95
CA VAL A 337 11.53 -20.72 2.21
C VAL A 337 12.21 -21.31 3.44
N ARG A 338 11.42 -21.59 4.48
CA ARG A 338 11.94 -22.14 5.73
CA ARG A 338 11.96 -22.13 5.71
C ARG A 338 12.61 -23.49 5.48
N ASN A 339 12.05 -24.25 4.56
CA ASN A 339 12.52 -25.60 4.26
C ASN A 339 13.35 -25.67 2.99
N SER A 340 13.77 -24.52 2.47
CA SER A 340 14.63 -24.46 1.28
C SER A 340 14.04 -25.25 0.12
N GLU A 341 12.71 -25.20 -0.03
CA GLU A 341 12.03 -25.91 -1.10
C GLU A 341 11.85 -25.04 -2.34
N GLU A 342 11.52 -25.69 -3.45
CA GLU A 342 11.42 -25.02 -4.74
C GLU A 342 10.17 -24.13 -4.81
N LEU A 343 10.35 -22.90 -5.29
CA LEU A 343 9.23 -21.97 -5.45
C LEU A 343 8.79 -21.87 -6.90
N VAL A 344 7.49 -21.85 -7.11
CA VAL A 344 6.91 -21.65 -8.43
C VAL A 344 7.02 -20.17 -8.84
N ALA A 345 7.42 -19.93 -10.09
CA ALA A 345 7.49 -18.58 -10.61
C ALA A 345 6.10 -18.01 -10.88
N TYR A 346 5.94 -16.72 -10.61
CA TYR A 346 4.68 -16.06 -10.84
C TYR A 346 4.45 -15.79 -12.31
N SER A 347 3.18 -15.89 -12.72
CA SER A 347 2.75 -15.43 -14.03
CA SER A 347 2.75 -15.45 -14.04
C SER A 347 1.40 -14.74 -13.91
N ASP A 348 1.18 -13.74 -14.76
CA ASP A 348 -0.06 -12.96 -14.77
CA ASP A 348 -0.06 -12.98 -14.69
C ASP A 348 -1.31 -13.86 -14.82
N GLU A 349 -1.18 -15.00 -15.49
CA GLU A 349 -2.30 -15.91 -15.64
CA GLU A 349 -2.31 -15.91 -15.64
C GLU A 349 -2.85 -16.34 -14.28
N MET A 350 -1.99 -16.33 -13.27
CA MET A 350 -2.40 -16.73 -11.93
C MET A 350 -3.44 -15.81 -11.29
N LEU A 351 -3.55 -14.59 -11.79
CA LEU A 351 -4.49 -13.62 -11.23
C LEU A 351 -5.94 -14.03 -11.42
N ALA A 352 -6.19 -14.97 -12.35
CA ALA A 352 -7.57 -15.41 -12.61
C ALA A 352 -8.11 -16.30 -11.50
N SER A 353 -7.21 -16.77 -10.64
CA SER A 353 -7.57 -17.71 -9.58
CA SER A 353 -7.54 -17.72 -9.58
C SER A 353 -7.21 -17.13 -8.22
N LEU A 354 -8.16 -17.20 -7.27
CA LEU A 354 -7.89 -16.72 -5.92
C LEU A 354 -7.60 -17.90 -5.01
N ILE A 355 -6.32 -18.21 -4.91
CA ILE A 355 -5.82 -19.31 -4.12
CA ILE A 355 -5.84 -19.30 -4.09
C ILE A 355 -4.68 -18.82 -3.24
N1 FMN B . 0.87 -2.40 -4.35
C2 FMN B . 0.07 -1.67 -3.50
O2 FMN B . 0.55 -0.79 -2.81
N3 FMN B . -1.27 -1.94 -3.40
C4 FMN B . -1.88 -2.91 -4.17
O4 FMN B . -3.09 -3.15 -4.03
C4A FMN B . -1.08 -3.60 -5.08
N5 FMN B . -1.65 -4.51 -5.93
C5A FMN B . -0.85 -5.26 -6.77
C6 FMN B . -1.44 -6.25 -7.55
C7 FMN B . -0.68 -7.02 -8.39
C7M FMN B . -1.33 -8.07 -9.26
C8 FMN B . 0.70 -6.82 -8.44
C8M FMN B . 1.54 -7.65 -9.37
C9 FMN B . 1.30 -5.85 -7.65
C9A FMN B . 0.52 -5.03 -6.84
N10 FMN B . 1.09 -4.08 -6.00
C10 FMN B . 0.28 -3.33 -5.16
C1' FMN B . 2.58 -3.94 -5.92
C2' FMN B . 3.11 -5.00 -4.95
O2' FMN B . 2.70 -4.73 -3.61
C3' FMN B . 4.64 -5.09 -4.96
O3' FMN B . 5.17 -3.82 -4.62
C4' FMN B . 5.17 -5.52 -6.31
O4' FMN B . 4.45 -6.64 -6.79
C5' FMN B . 6.66 -5.85 -6.25
O5' FMN B . 6.95 -6.88 -5.32
P FMN B . 7.26 -8.37 -5.84
O1P FMN B . 6.02 -8.87 -6.54
O2P FMN B . 8.39 -8.30 -6.85
O3P FMN B . 7.63 -9.22 -4.67
C4 4KS C . -0.79 -0.62 -6.78
C4 4KS C . -0.44 -0.67 -6.83
C5 4KS C . -0.07 -1.33 -7.73
C5 4KS C . 0.87 -0.60 -7.28
C6 4KS C . -0.71 -2.21 -8.60
C6 4KS C . 1.26 -1.36 -8.38
O1 4KS C . -0.12 0.26 -5.93
O1 4KS C . -0.83 0.07 -5.72
C3 4KS C . -2.16 -0.81 -6.70
C3 4KS C . -1.35 -1.47 -7.46
C2 4KS C . -2.81 -1.69 -7.57
C2 4KS C . -0.97 -2.22 -8.57
C1 4KS C . -2.08 -2.40 -8.51
C1 4KS C . 0.33 -2.16 -9.03
O 4KS C . -2.69 -3.28 -9.38
O 4KS C . 0.69 -2.91 -10.13
C 4KS C . -4.07 -3.41 -9.36
C 4KS C . -0.19 -3.84 -10.62
C4 4KS D . -8.38 -4.49 -13.19
C5 4KS D . -9.14 -5.65 -13.33
C6 4KS D . -8.69 -6.83 -12.74
O1 4KS D . -8.82 -3.33 -13.76
C3 4KS D . -7.21 -4.51 -12.45
C2 4KS D . -6.78 -5.69 -11.87
C1 4KS D . -7.52 -6.86 -12.01
O 4KS D . -7.08 -8.03 -11.42
C 4KS D . -6.08 -8.00 -10.47
C4 4KS E . 1.59 -4.26 -13.71
C5 4KS E . 2.73 -4.94 -13.31
C6 4KS E . 2.69 -6.29 -13.02
O1 4KS E . 1.65 -2.92 -13.99
C3 4KS E . 0.39 -4.95 -13.82
C2 4KS E . 0.33 -6.30 -13.53
C1 4KS E . 1.48 -6.97 -13.14
O 4KS E . 1.44 -8.30 -12.86
C 4KS E . 2.62 -9.01 -13.00
C4 4KS F . -6.99 -1.76 19.02
C5 4KS F . -6.82 -0.40 18.89
C6 4KS F . -6.62 0.16 17.64
O1 4KS F . -7.20 -2.30 20.26
C3 4KS F . -6.94 -2.59 17.90
C2 4KS F . -6.73 -2.02 16.64
C1 4KS F . -6.58 -0.65 16.52
O 4KS F . -6.36 -0.07 15.28
C 4KS F . -6.26 -0.87 14.16
C4 4KS G . -21.45 4.81 2.93
C5 4KS G . -21.27 5.41 1.68
C6 4KS G . -20.26 6.34 1.50
O1 4KS G . -22.46 3.88 3.08
C3 4KS G . -20.63 5.14 3.99
C2 4KS G . -19.61 6.08 3.81
C1 4KS G . -19.44 6.68 2.57
O 4KS G . -18.44 7.60 2.39
C 4KS G . -17.67 7.96 3.46
C4 4KS H . -3.25 -4.14 -13.22
C5 4KS H . -3.48 -2.80 -12.96
C6 4KS H . -3.74 -2.38 -11.65
O1 4KS H . -3.00 -4.55 -14.51
C3 4KS H . -3.29 -5.06 -12.18
C2 4KS H . -3.56 -4.66 -10.89
C1 4KS H . -3.77 -3.31 -10.63
O 4KS H . -4.02 -2.89 -9.34
C 4KS H . -4.93 -1.86 -9.13
#